data_6FFH
#
_entry.id   6FFH
#
_cell.length_a   143.217
_cell.length_b   43.478
_cell.length_c   82.383
_cell.angle_alpha   90.000
_cell.angle_beta   99.220
_cell.angle_gamma   90.000
#
_symmetry.space_group_name_H-M   'C 1 2 1'
#
loop_
_entity.id
_entity.type
_entity.pdbx_description
1 polymer 'Metabotropic glutamate receptor 5,Endolysin'
2 non-polymer 'OLEIC ACID'
3 non-polymer '2-(N-MORPHOLINO)-ETHANESULFONIC ACID'
4 non-polymer 1-(3-chlorophenyl)-3-(3-methyl-5-oxidanylidene-4~{H}-imidazol-2-yl)urea
5 non-polymer '(2R)-2,3-dihydroxypropyl (9Z)-octadec-9-enoate'
6 water water
#
_entity_poly.entity_id   1
_entity_poly.type   'polypeptide(L)'
_entity_poly.pdbx_seq_one_letter_code
;AASPVQYLRWGDPAPIAAVVFACLGLLATLFVTVVFIIYRDTPVVKSSSRELCYIILAGICLGYLCTF(YCM)LIAKPKQ
IYCYLQRIGIGLSPAMSYSALVTKTYRAARILAMSKKNIFEMLRIDEGLRLKIYKDTEGYYTIGIGHLLTKSPSLNAAKS
ELDKAIGRNTNGVITKDEAEKLFNQDVDAAVRGILRNAKLKPVYDSLDAVRRAALINMVFQMGETGVAGFTNSLRMLQQK
RWDEAAVNLAKSRWYNQTPNRAKRVITTFRTGTWDAYKICTKKPRFMSACAQLVIAFILICIQLGIIVALFIMEPPDIMH
DYPSIREVYLICNTTNLGVVAPLGYNGLLILACTFYAFKTRNVPANFNEAKYIAFTMYTTCIIWLAFVPIYFGSNYKIIT
MCFSVSLSATVALGCMFVPKVYIILAKPERNVRSAAAAHHHHHHHHHH
;
_entity_poly.pdbx_strand_id   A
#
loop_
_chem_comp.id
_chem_comp.type
_chem_comp.name
_chem_comp.formula
D7W non-polymer 1-(3-chlorophenyl)-3-(3-methyl-5-oxidanylidene-4~{H}-imidazol-2-yl)urea 'C11 H11 Cl N4 O2'
MES non-polymer '2-(N-MORPHOLINO)-ETHANESULFONIC ACID' 'C6 H13 N O4 S'
OLA non-polymer 'OLEIC ACID' 'C18 H34 O2'
OLC non-polymer '(2R)-2,3-dihydroxypropyl (9Z)-octadec-9-enoate' 'C21 H40 O4'
#
# COMPACT_ATOMS: atom_id res chain seq x y z
N SER A 3 -30.51 22.43 -19.65
CA SER A 3 -31.13 21.65 -18.59
C SER A 3 -31.04 20.14 -18.87
N PRO A 4 -30.42 19.40 -17.95
CA PRO A 4 -30.34 17.94 -18.13
C PRO A 4 -31.71 17.27 -18.15
N VAL A 5 -32.72 17.87 -17.52
CA VAL A 5 -34.07 17.30 -17.57
C VAL A 5 -34.66 17.46 -18.95
N GLN A 6 -34.29 18.51 -19.69
CA GLN A 6 -34.78 18.70 -21.05
C GLN A 6 -34.29 17.59 -21.97
N TYR A 7 -33.01 17.22 -21.86
CA TYR A 7 -32.49 16.14 -22.67
C TYR A 7 -33.06 14.79 -22.26
N LEU A 8 -33.51 14.65 -21.02
CA LEU A 8 -34.11 13.39 -20.58
C LEU A 8 -35.44 13.16 -21.29
N ARG A 9 -36.33 14.14 -21.26
CA ARG A 9 -37.61 14.00 -21.97
C ARG A 9 -37.44 14.01 -23.47
N TRP A 10 -36.33 14.51 -23.98
CA TRP A 10 -36.05 14.50 -25.41
C TRP A 10 -35.48 13.18 -25.90
N GLY A 11 -35.21 12.23 -25.01
CA GLY A 11 -34.74 10.92 -25.38
C GLY A 11 -33.28 10.65 -25.11
N ASP A 12 -32.60 11.48 -24.34
CA ASP A 12 -31.19 11.30 -24.01
C ASP A 12 -31.01 11.37 -22.51
N PRO A 13 -30.90 10.23 -21.82
CA PRO A 13 -30.76 10.23 -20.36
C PRO A 13 -29.33 10.25 -19.84
N ALA A 14 -28.35 10.55 -20.70
CA ALA A 14 -26.96 10.56 -20.23
C ALA A 14 -26.65 11.75 -19.34
N PRO A 15 -26.99 13.00 -19.70
CA PRO A 15 -26.64 14.11 -18.79
C PRO A 15 -27.33 14.04 -17.44
N ILE A 16 -28.61 13.64 -17.41
CA ILE A 16 -29.30 13.56 -16.12
C ILE A 16 -28.73 12.44 -15.26
N ALA A 17 -28.21 11.38 -15.89
CA ALA A 17 -27.65 10.26 -15.13
C ALA A 17 -26.30 10.64 -14.52
N ALA A 18 -25.47 11.38 -15.25
CA ALA A 18 -24.18 11.79 -14.73
C ALA A 18 -24.33 12.79 -13.59
N VAL A 19 -25.40 13.59 -13.60
CA VAL A 19 -25.62 14.54 -12.52
C VAL A 19 -26.00 13.82 -11.24
N VAL A 20 -26.93 12.87 -11.32
CA VAL A 20 -27.34 12.10 -10.15
C VAL A 20 -26.16 11.32 -9.58
N PHE A 21 -25.34 10.74 -10.46
CA PHE A 21 -24.13 10.05 -10.02
C PHE A 21 -23.24 11.00 -9.21
N ALA A 22 -23.04 12.22 -9.71
CA ALA A 22 -22.18 13.16 -9.00
C ALA A 22 -22.81 13.60 -7.68
N CYS A 23 -24.12 13.82 -7.66
CA CYS A 23 -24.80 14.26 -6.44
C CYS A 23 -24.72 13.19 -5.36
N LEU A 24 -25.01 11.93 -5.72
CA LEU A 24 -24.90 10.85 -4.76
C LEU A 24 -23.47 10.71 -4.25
N GLY A 25 -22.50 10.88 -5.14
CA GLY A 25 -21.10 10.87 -4.73
C GLY A 25 -20.76 12.01 -3.79
N LEU A 26 -21.25 13.21 -4.12
CA LEU A 26 -21.05 14.35 -3.20
C LEU A 26 -21.70 14.09 -1.86
N LEU A 27 -22.87 13.45 -1.86
CA LEU A 27 -23.55 13.14 -0.61
C LEU A 27 -22.74 12.15 0.22
N ALA A 28 -22.34 11.04 -0.39
CA ALA A 28 -21.57 10.03 0.33
C ALA A 28 -20.23 10.58 0.80
N THR A 29 -19.58 11.40 -0.04
CA THR A 29 -18.34 12.04 0.39
C THR A 29 -18.57 12.98 1.55
N LEU A 30 -19.72 13.67 1.55
CA LEU A 30 -20.07 14.54 2.67
C LEU A 30 -20.34 13.74 3.94
N PHE A 31 -21.02 12.59 3.79
CA PHE A 31 -21.30 11.76 4.96
C PHE A 31 -20.01 11.16 5.52
N VAL A 32 -19.13 10.68 4.66
CA VAL A 32 -17.90 10.03 5.12
C VAL A 32 -17.01 11.03 5.85
N THR A 33 -16.90 12.26 5.31
CA THR A 33 -16.03 13.26 5.93
C THR A 33 -16.53 13.66 7.31
N VAL A 34 -17.85 13.85 7.46
CA VAL A 34 -18.39 14.24 8.77
C VAL A 34 -18.17 13.13 9.80
N VAL A 35 -18.24 11.87 9.37
CA VAL A 35 -17.98 10.76 10.28
C VAL A 35 -16.54 10.82 10.80
N PHE A 36 -15.58 11.13 9.91
CA PHE A 36 -14.19 11.20 10.34
C PHE A 36 -13.90 12.44 11.16
N ILE A 37 -14.68 13.51 10.99
CA ILE A 37 -14.50 14.70 11.81
C ILE A 37 -15.06 14.46 13.20
N ILE A 38 -16.25 13.87 13.31
CA ILE A 38 -16.87 13.63 14.60
C ILE A 38 -16.05 12.63 15.41
N TYR A 39 -15.85 11.44 14.84
CA TYR A 39 -15.11 10.38 15.53
C TYR A 39 -13.61 10.46 15.24
N ARG A 40 -13.05 11.66 15.36
CA ARG A 40 -11.62 11.84 15.05
C ARG A 40 -10.74 11.23 16.12
N ASP A 41 -11.22 11.11 17.35
CA ASP A 41 -10.44 10.61 18.47
C ASP A 41 -10.65 9.12 18.72
N THR A 42 -11.15 8.39 17.73
CA THR A 42 -11.30 6.97 17.91
C THR A 42 -10.09 6.21 17.36
N PRO A 43 -9.73 5.10 17.99
CA PRO A 43 -8.52 4.36 17.56
C PRO A 43 -8.44 4.07 16.08
N VAL A 44 -9.57 3.89 15.39
CA VAL A 44 -9.54 3.56 13.97
C VAL A 44 -9.10 4.76 13.15
N VAL A 45 -9.58 5.95 13.50
CA VAL A 45 -9.20 7.14 12.74
C VAL A 45 -7.86 7.69 13.22
N LYS A 46 -7.58 7.57 14.52
CA LYS A 46 -6.33 8.11 15.07
C LYS A 46 -5.11 7.32 14.62
N SER A 47 -5.29 6.07 14.17
CA SER A 47 -4.16 5.24 13.78
C SER A 47 -3.58 5.66 12.43
N SER A 48 -4.45 5.99 11.46
CA SER A 48 -4.00 6.35 10.13
C SER A 48 -3.73 7.86 10.04
N SER A 49 -3.26 8.30 8.89
CA SER A 49 -2.94 9.71 8.67
C SER A 49 -4.23 10.50 8.46
N ARG A 50 -4.62 11.28 9.46
CA ARG A 50 -5.88 12.03 9.37
C ARG A 50 -5.77 13.20 8.40
N GLU A 51 -4.61 13.88 8.39
CA GLU A 51 -4.45 15.02 7.48
C GLU A 51 -4.46 14.58 6.03
N LEU A 52 -3.88 13.41 5.73
CA LEU A 52 -3.86 12.93 4.35
C LEU A 52 -5.23 12.48 3.88
N CYS A 53 -6.08 12.01 4.80
CA CYS A 53 -7.41 11.57 4.40
C CYS A 53 -8.27 12.74 3.93
N TYR A 54 -8.14 13.90 4.58
CA TYR A 54 -8.89 15.07 4.16
C TYR A 54 -8.46 15.53 2.76
N ILE A 55 -7.20 15.29 2.39
CA ILE A 55 -6.76 15.63 1.04
C ILE A 55 -7.29 14.62 0.03
N ILE A 56 -7.41 13.35 0.43
CA ILE A 56 -7.99 12.35 -0.46
C ILE A 56 -9.47 12.62 -0.66
N LEU A 57 -10.19 12.91 0.42
CA LEU A 57 -11.62 13.18 0.31
C LEU A 57 -11.89 14.46 -0.48
N ALA A 58 -11.00 15.45 -0.38
CA ALA A 58 -11.17 16.67 -1.17
C ALA A 58 -10.96 16.41 -2.65
N GLY A 59 -10.04 15.51 -3.01
CA GLY A 59 -9.90 15.14 -4.40
C GLY A 59 -11.13 14.43 -4.93
N ILE A 60 -11.64 13.47 -4.17
CA ILE A 60 -12.86 12.76 -4.55
C ILE A 60 -14.02 13.73 -4.69
N CYS A 61 -14.12 14.70 -3.77
CA CYS A 61 -15.16 15.72 -3.86
C CYS A 61 -15.05 16.50 -5.17
N LEU A 62 -13.85 16.98 -5.49
CA LEU A 62 -13.65 17.70 -6.75
C LEU A 62 -13.84 16.79 -7.95
N GLY A 63 -13.65 15.48 -7.77
CA GLY A 63 -13.90 14.56 -8.87
C GLY A 63 -15.36 14.54 -9.29
N TYR A 64 -16.26 14.45 -8.32
CA TYR A 64 -17.68 14.50 -8.63
C TYR A 64 -18.09 15.87 -9.14
N LEU A 65 -17.43 16.94 -8.68
CA LEU A 65 -17.73 18.27 -9.15
C LEU A 65 -17.31 18.49 -10.60
N CYS A 66 -16.44 17.63 -11.14
CA CYS A 66 -16.01 17.77 -12.54
C CYS A 66 -17.19 17.67 -13.49
N THR A 67 -18.18 16.85 -13.16
CA THR A 67 -19.34 16.69 -14.04
C THR A 67 -20.23 17.92 -14.08
N PHE A 68 -19.95 18.93 -13.25
CA PHE A 68 -20.76 20.14 -13.23
C PHE A 68 -20.13 21.24 -14.07
N YCM A 69 -18.95 20.97 -14.62
CA YCM A 69 -18.31 21.89 -15.54
CB YCM A 69 -16.94 22.32 -15.03
SG YCM A 69 -16.70 21.62 -13.43
CD YCM A 69 -16.38 23.12 -12.55
CE YCM A 69 -16.37 22.84 -11.07
OZ1 YCM A 69 -17.41 22.62 -10.47
NZ2 YCM A 69 -15.19 22.86 -10.47
C YCM A 69 -18.20 21.20 -16.87
O YCM A 69 -17.92 21.86 -17.90
N LEU A 70 -18.42 19.89 -16.87
CA LEU A 70 -18.52 19.12 -18.10
C LEU A 70 -19.97 19.21 -18.61
N ILE A 71 -20.90 19.18 -17.66
CA ILE A 71 -22.32 19.38 -17.94
C ILE A 71 -22.71 20.76 -17.43
N ALA A 72 -22.45 21.79 -18.23
CA ALA A 72 -22.67 23.16 -17.78
C ALA A 72 -23.04 24.04 -18.96
N LYS A 73 -23.37 25.30 -18.65
CA LYS A 73 -23.71 26.29 -19.65
C LYS A 73 -22.44 26.82 -20.31
N PRO A 74 -22.52 27.22 -21.59
CA PRO A 74 -21.32 27.67 -22.30
C PRO A 74 -20.72 28.94 -21.73
N LYS A 75 -19.93 28.81 -20.66
CA LYS A 75 -19.14 29.90 -20.12
C LYS A 75 -17.66 29.53 -20.21
N GLN A 76 -16.81 30.57 -20.23
CA GLN A 76 -15.41 30.36 -20.56
C GLN A 76 -14.65 29.72 -19.39
N ILE A 77 -14.94 30.15 -18.16
CA ILE A 77 -14.21 29.64 -17.01
C ILE A 77 -14.45 28.14 -16.81
N TYR A 78 -15.57 27.62 -17.32
CA TYR A 78 -15.83 26.19 -17.17
C TYR A 78 -14.85 25.36 -17.98
N CYS A 79 -14.44 25.84 -19.16
CA CYS A 79 -13.37 25.18 -19.88
C CYS A 79 -12.06 25.24 -19.10
N TYR A 80 -11.85 26.31 -18.33
CA TYR A 80 -10.69 26.36 -17.44
C TYR A 80 -10.86 25.40 -16.27
N LEU A 81 -12.05 25.35 -15.69
CA LEU A 81 -12.28 24.48 -14.54
C LEU A 81 -12.28 23.01 -14.94
N GLN A 82 -12.66 22.70 -16.19
CA GLN A 82 -12.59 21.33 -16.67
C GLN A 82 -11.15 20.81 -16.61
N ARG A 83 -10.25 21.51 -17.29
CA ARG A 83 -8.85 21.09 -17.32
C ARG A 83 -8.21 21.14 -15.94
N ILE A 84 -8.70 22.03 -15.07
CA ILE A 84 -8.14 22.16 -13.73
C ILE A 84 -8.67 21.10 -12.77
N GLY A 85 -9.85 20.55 -13.03
CA GLY A 85 -10.41 19.54 -12.15
C GLY A 85 -10.10 18.12 -12.59
N ILE A 86 -10.17 17.87 -13.90
CA ILE A 86 -9.86 16.55 -14.42
C ILE A 86 -8.37 16.22 -14.25
N GLY A 87 -7.55 17.24 -13.99
CA GLY A 87 -6.14 17.02 -13.77
C GLY A 87 -5.74 17.00 -12.31
N LEU A 88 -6.27 17.95 -11.51
CA LEU A 88 -5.83 18.08 -10.12
C LEU A 88 -6.56 17.10 -9.19
N SER A 89 -7.87 16.94 -9.36
CA SER A 89 -8.61 16.11 -8.41
C SER A 89 -8.12 14.67 -8.34
N PRO A 90 -7.67 14.02 -9.43
CA PRO A 90 -7.00 12.73 -9.23
C PRO A 90 -5.62 12.88 -8.62
N ALA A 91 -4.88 13.92 -8.99
CA ALA A 91 -3.56 14.15 -8.42
C ALA A 91 -3.65 14.39 -6.92
N MET A 92 -4.71 15.06 -6.46
CA MET A 92 -4.85 15.32 -5.03
C MET A 92 -5.04 14.03 -4.25
N SER A 93 -5.85 13.12 -4.77
CA SER A 93 -6.11 11.88 -4.05
C SER A 93 -4.92 10.92 -4.16
N TYR A 94 -4.33 10.81 -5.35
CA TYR A 94 -3.29 9.82 -5.56
C TYR A 94 -1.95 10.25 -4.99
N SER A 95 -1.62 11.55 -5.03
CA SER A 95 -0.36 12.01 -4.46
C SER A 95 -0.40 12.08 -2.95
N ALA A 96 -1.59 12.26 -2.35
CA ALA A 96 -1.71 12.11 -0.90
C ALA A 96 -1.66 10.64 -0.50
N LEU A 97 -2.15 9.75 -1.36
CA LEU A 97 -2.14 8.33 -1.07
C LEU A 97 -0.76 7.72 -1.30
N VAL A 98 0.06 8.31 -2.17
CA VAL A 98 1.39 7.76 -2.41
C VAL A 98 2.31 8.07 -1.23
N THR A 99 2.10 9.20 -0.56
CA THR A 99 2.86 9.47 0.65
C THR A 99 2.42 8.58 1.80
N LYS A 100 1.13 8.19 1.82
CA LYS A 100 0.66 7.24 2.83
C LYS A 100 1.25 5.86 2.58
N THR A 101 1.27 5.41 1.32
CA THR A 101 1.81 4.10 1.01
C THR A 101 3.33 4.06 1.10
N TYR A 102 4.00 5.18 0.82
CA TYR A 102 5.45 5.22 0.94
C TYR A 102 5.89 5.08 2.40
N ARG A 103 5.18 5.74 3.31
CA ARG A 103 5.52 5.61 4.73
C ARG A 103 5.26 4.19 5.23
N ALA A 104 4.19 3.55 4.75
CA ALA A 104 3.89 2.18 5.14
C ALA A 104 4.97 1.21 4.68
N ALA A 105 5.64 1.51 3.57
CA ALA A 105 6.69 0.62 3.08
C ALA A 105 8.00 0.82 3.84
N ARG A 106 8.36 2.07 4.13
CA ARG A 106 9.56 2.33 4.92
C ARG A 106 9.41 1.78 6.33
N ILE A 107 8.21 1.83 6.89
CA ILE A 107 7.96 1.22 8.19
C ILE A 107 8.13 -0.29 8.10
N LEU A 108 7.61 -0.89 7.03
CA LEU A 108 7.76 -2.33 6.85
C LEU A 108 9.21 -2.71 6.61
N ALA A 109 9.94 -1.89 5.84
CA ALA A 109 11.35 -2.18 5.58
C ALA A 109 12.18 -2.08 6.86
N MET A 110 11.82 -1.17 7.76
CA MET A 110 12.51 -1.05 9.03
C MET A 110 12.18 -2.18 9.99
N SER A 111 11.02 -2.83 9.82
CA SER A 111 10.69 -4.00 10.63
C SER A 111 11.54 -5.20 10.26
N LYS A 112 12.05 -5.25 9.03
CA LYS A 112 12.89 -6.35 8.56
C LYS A 112 14.37 -6.09 8.73
N LYS A 113 14.77 -4.84 9.01
CA LYS A 113 16.18 -4.47 9.11
C LYS A 113 16.90 -5.26 10.19
N ASN A 114 14.50 -5.20 12.06
CA ASN A 114 15.26 -5.55 13.25
C ASN A 114 15.47 -7.06 13.33
N ILE A 115 14.76 -7.81 12.49
CA ILE A 115 14.89 -9.26 12.50
C ILE A 115 16.19 -9.70 11.84
N PHE A 116 16.67 -8.95 10.84
CA PHE A 116 17.93 -9.32 10.19
C PHE A 116 19.10 -9.17 11.15
N GLU A 117 19.11 -8.11 11.96
CA GLU A 117 20.16 -7.97 12.96
C GLU A 117 20.02 -8.99 14.07
N MET A 118 18.81 -9.50 14.29
CA MET A 118 18.61 -10.53 15.32
C MET A 118 19.33 -11.82 14.96
N LEU A 119 19.13 -12.29 13.74
CA LEU A 119 19.75 -13.55 13.31
C LEU A 119 21.19 -13.38 12.87
N ARG A 120 21.61 -12.16 12.50
CA ARG A 120 23.02 -11.93 12.23
C ARG A 120 23.87 -12.16 13.48
N ILE A 121 23.31 -11.86 14.65
CA ILE A 121 23.98 -12.09 15.93
C ILE A 121 23.77 -13.53 16.40
N ASP A 122 22.58 -14.09 16.20
CA ASP A 122 22.29 -15.43 16.70
C ASP A 122 22.83 -16.51 15.76
N GLU A 123 22.47 -16.44 14.48
CA GLU A 123 22.75 -17.53 13.55
C GLU A 123 24.10 -17.39 12.86
N GLY A 124 24.51 -16.18 12.53
CA GLY A 124 25.75 -15.95 11.82
C GLY A 124 25.51 -15.42 10.42
N LEU A 125 26.62 -15.05 9.76
CA LEU A 125 26.56 -14.39 8.47
C LEU A 125 27.90 -14.53 7.77
N ARG A 126 27.89 -14.92 6.50
CA ARG A 126 29.09 -15.01 5.68
C ARG A 126 28.90 -14.16 4.43
N LEU A 127 29.88 -13.31 4.14
CA LEU A 127 29.81 -12.41 3.00
C LEU A 127 30.36 -13.02 1.72
N LYS A 128 30.71 -14.30 1.72
CA LYS A 128 31.16 -14.98 0.52
C LYS A 128 30.54 -16.37 0.48
N ILE A 129 30.56 -16.97 -0.72
CA ILE A 129 29.88 -18.24 -0.95
C ILE A 129 30.54 -19.34 -0.14
N TYR A 130 29.72 -20.18 0.48
CA TYR A 130 30.17 -21.35 1.21
C TYR A 130 29.19 -22.50 0.92
N LYS A 131 29.31 -23.58 1.67
CA LYS A 131 28.40 -24.71 1.57
C LYS A 131 27.77 -24.99 2.93
N ASP A 132 26.53 -25.44 2.92
CA ASP A 132 25.85 -25.81 4.16
C ASP A 132 26.33 -27.19 4.59
N THR A 133 25.62 -27.81 5.54
CA THR A 133 26.03 -29.10 6.06
C THR A 133 25.87 -30.23 5.06
N GLU A 134 25.16 -30.00 3.95
CA GLU A 134 24.91 -31.04 2.95
C GLU A 134 25.46 -30.65 1.58
N GLY A 135 26.41 -29.72 1.52
CA GLY A 135 27.12 -29.43 0.29
C GLY A 135 26.44 -28.51 -0.68
N TYR A 136 25.34 -27.85 -0.28
CA TYR A 136 24.64 -26.93 -1.16
C TYR A 136 25.24 -25.53 -1.02
N TYR A 137 25.54 -24.90 -2.16
CA TYR A 137 26.16 -23.59 -2.15
C TYR A 137 25.25 -22.56 -1.50
N THR A 138 25.82 -21.78 -0.59
CA THR A 138 25.05 -20.90 0.30
C THR A 138 25.85 -19.63 0.53
N ILE A 139 25.14 -18.57 0.93
CA ILE A 139 25.77 -17.28 1.22
C ILE A 139 24.86 -16.54 2.18
N GLY A 140 25.42 -15.57 2.90
CA GLY A 140 24.61 -14.78 3.79
C GLY A 140 24.26 -15.54 5.05
N ILE A 141 23.02 -15.38 5.50
CA ILE A 141 22.52 -16.10 6.67
C ILE A 141 21.79 -17.35 6.18
N GLY A 142 22.54 -18.32 5.67
CA GLY A 142 21.95 -19.57 5.25
C GLY A 142 21.00 -19.46 4.08
N HIS A 143 21.23 -18.50 3.18
CA HIS A 143 20.40 -18.33 1.99
C HIS A 143 20.94 -19.24 0.89
N LEU A 144 20.20 -20.32 0.61
CA LEU A 144 20.64 -21.27 -0.41
C LEU A 144 20.56 -20.63 -1.79
N LEU A 145 21.65 -20.74 -2.55
CA LEU A 145 21.71 -20.21 -3.91
C LEU A 145 21.32 -21.24 -4.94
N THR A 146 21.82 -22.47 -4.83
CA THR A 146 21.52 -23.52 -5.78
C THR A 146 21.89 -24.87 -5.16
N LYS A 147 21.37 -25.94 -5.77
CA LYS A 147 21.71 -27.30 -5.38
C LYS A 147 22.60 -27.98 -6.41
N SER A 148 23.11 -27.24 -7.39
CA SER A 148 24.01 -27.79 -8.38
C SER A 148 25.44 -27.82 -7.85
N PRO A 149 26.20 -28.87 -8.16
CA PRO A 149 27.61 -28.92 -7.70
C PRO A 149 28.50 -27.88 -8.34
N SER A 150 28.02 -27.16 -9.37
CA SER A 150 28.83 -26.18 -10.07
C SER A 150 28.94 -24.91 -9.24
N LEU A 151 30.17 -24.50 -8.93
CA LEU A 151 30.37 -23.23 -8.25
C LEU A 151 30.01 -22.05 -9.15
N ASN A 152 30.22 -22.20 -10.46
CA ASN A 152 29.80 -21.15 -11.39
C ASN A 152 28.29 -20.99 -11.42
N ALA A 153 27.55 -22.06 -11.15
CA ALA A 153 26.09 -21.96 -11.09
C ALA A 153 25.64 -21.13 -9.90
N ALA A 154 26.38 -21.17 -8.79
CA ALA A 154 26.01 -20.38 -7.62
C ALA A 154 26.23 -18.89 -7.87
N LYS A 155 27.38 -18.54 -8.46
CA LYS A 155 27.64 -17.14 -8.77
C LYS A 155 26.69 -16.60 -9.81
N SER A 156 26.17 -17.46 -10.69
CA SER A 156 25.17 -17.02 -11.66
C SER A 156 23.88 -16.62 -10.96
N GLU A 157 23.34 -17.52 -10.13
CA GLU A 157 22.12 -17.20 -9.38
C GLU A 157 22.33 -16.04 -8.41
N LEU A 158 23.54 -15.92 -7.85
CA LEU A 158 23.81 -14.83 -6.92
C LEU A 158 23.75 -13.47 -7.62
N ASP A 159 24.35 -13.37 -8.80
CA ASP A 159 24.29 -12.12 -9.55
C ASP A 159 22.86 -11.82 -10.01
N LYS A 160 22.11 -12.85 -10.40
CA LYS A 160 20.73 -12.66 -10.78
C LYS A 160 19.85 -12.24 -9.61
N ALA A 161 20.26 -12.55 -8.37
CA ALA A 161 19.50 -12.17 -7.19
C ALA A 161 19.91 -10.81 -6.63
N ILE A 162 21.13 -10.37 -6.89
CA ILE A 162 21.64 -9.10 -6.39
C ILE A 162 21.53 -8.00 -7.44
N GLY A 163 21.95 -8.29 -8.66
CA GLY A 163 21.88 -7.34 -9.74
C GLY A 163 23.21 -6.79 -10.23
N ARG A 164 24.33 -7.37 -9.80
CA ARG A 164 25.65 -6.92 -10.24
C ARG A 164 26.58 -8.13 -10.29
N ASN A 165 27.74 -7.92 -10.89
CA ASN A 165 28.79 -8.94 -10.91
C ASN A 165 29.45 -8.95 -9.54
N THR A 166 29.08 -9.92 -8.71
CA THR A 166 29.56 -9.97 -7.33
C THR A 166 30.89 -10.69 -7.18
N ASN A 167 31.25 -11.56 -8.13
CA ASN A 167 32.43 -12.41 -8.04
C ASN A 167 32.40 -13.28 -6.79
N GLY A 168 31.20 -13.62 -6.32
CA GLY A 168 31.03 -14.50 -5.19
C GLY A 168 31.03 -13.83 -3.83
N VAL A 169 31.16 -12.50 -3.77
CA VAL A 169 31.21 -11.77 -2.52
C VAL A 169 30.09 -10.75 -2.49
N ILE A 170 29.38 -10.67 -1.37
CA ILE A 170 28.28 -9.73 -1.21
C ILE A 170 28.58 -8.80 -0.02
N THR A 171 27.62 -7.93 0.29
CA THR A 171 27.72 -7.02 1.42
C THR A 171 26.63 -7.35 2.44
N LYS A 172 26.68 -6.65 3.58
CA LYS A 172 25.67 -6.86 4.62
C LYS A 172 24.29 -6.48 4.11
N ASP A 173 24.19 -5.40 3.33
CA ASP A 173 22.90 -4.98 2.81
C ASP A 173 22.42 -5.91 1.70
N GLU A 174 23.33 -6.56 0.99
CA GLU A 174 22.94 -7.54 -0.02
C GLU A 174 22.59 -8.88 0.61
N ALA A 175 23.23 -9.24 1.72
CA ALA A 175 22.81 -10.44 2.43
C ALA A 175 21.48 -10.24 3.12
N GLU A 176 21.13 -8.99 3.45
CA GLU A 176 19.82 -8.68 3.99
C GLU A 176 18.74 -8.80 2.93
N LYS A 177 19.05 -8.43 1.68
CA LYS A 177 18.09 -8.57 0.60
C LYS A 177 17.74 -10.04 0.38
N LEU A 178 18.73 -10.93 0.47
CA LEU A 178 18.45 -12.35 0.37
C LEU A 178 17.77 -12.88 1.62
N PHE A 179 17.99 -12.24 2.77
CA PHE A 179 17.39 -12.70 4.01
C PHE A 179 15.91 -12.38 4.09
N ASN A 180 15.49 -11.26 3.52
CA ASN A 180 14.07 -10.91 3.50
C ASN A 180 13.26 -11.94 2.73
N GLN A 181 13.86 -12.56 1.71
CA GLN A 181 13.16 -13.60 0.97
C GLN A 181 13.01 -14.87 1.80
N ASP A 182 14.03 -15.18 2.63
CA ASP A 182 13.94 -16.34 3.49
C ASP A 182 12.91 -16.15 4.61
N VAL A 183 12.72 -14.90 5.06
CA VAL A 183 11.71 -14.64 6.07
C VAL A 183 10.31 -14.76 5.48
N ASP A 184 10.11 -14.21 4.28
CA ASP A 184 8.82 -14.34 3.60
C ASP A 184 8.47 -15.80 3.36
N ALA A 185 9.47 -16.61 3.02
CA ALA A 185 9.22 -18.04 2.84
C ALA A 185 8.97 -18.73 4.17
N ALA A 186 9.57 -18.23 5.25
CA ALA A 186 9.36 -18.84 6.57
C ALA A 186 7.99 -18.50 7.12
N VAL A 187 7.53 -17.27 6.92
CA VAL A 187 6.20 -16.88 7.39
C VAL A 187 5.12 -17.67 6.66
N ARG A 188 5.31 -17.89 5.35
CA ARG A 188 4.34 -18.68 4.59
C ARG A 188 4.29 -20.11 5.11
N GLY A 189 5.44 -20.68 5.49
CA GLY A 189 5.44 -22.00 6.07
C GLY A 189 4.78 -22.06 7.43
N ILE A 190 4.87 -20.97 8.20
CA ILE A 190 4.22 -20.93 9.50
C ILE A 190 2.71 -20.80 9.34
N LEU A 191 2.27 -19.93 8.43
CA LEU A 191 0.85 -19.80 8.13
C LEU A 191 0.26 -21.05 7.50
N ARG A 192 1.07 -21.87 6.84
CA ARG A 192 0.64 -23.16 6.32
C ARG A 192 0.75 -24.27 7.35
N ASN A 193 0.98 -23.93 8.62
CA ASN A 193 1.13 -24.91 9.69
C ASN A 193 0.01 -24.71 10.70
N ALA A 194 -0.72 -25.79 10.99
CA ALA A 194 -1.89 -25.67 11.86
C ALA A 194 -1.52 -25.40 13.31
N LYS A 195 -0.32 -25.80 13.73
CA LYS A 195 0.08 -25.65 15.12
C LYS A 195 0.70 -24.29 15.41
N LEU A 196 1.37 -23.68 14.43
CA LEU A 196 2.04 -22.40 14.62
C LEU A 196 1.23 -21.21 14.13
N LYS A 197 0.17 -21.44 13.35
CA LYS A 197 -0.59 -20.31 12.79
C LYS A 197 -1.34 -19.52 13.86
N PRO A 198 -2.08 -20.15 14.79
CA PRO A 198 -2.79 -19.33 15.80
C PRO A 198 -1.86 -18.54 16.70
N VAL A 199 -0.74 -19.13 17.11
CA VAL A 199 0.19 -18.44 18.00
C VAL A 199 0.84 -17.26 17.28
N TYR A 200 1.11 -17.41 15.98
CA TYR A 200 1.75 -16.34 15.21
C TYR A 200 0.82 -15.14 15.05
N ASP A 201 -0.49 -15.38 14.99
CA ASP A 201 -1.43 -14.27 14.78
C ASP A 201 -1.60 -13.43 16.04
N SER A 202 -1.47 -14.03 17.22
CA SER A 202 -1.71 -13.32 18.45
C SER A 202 -0.53 -12.45 18.88
N LEU A 203 0.68 -12.84 18.49
CA LEU A 203 1.88 -12.14 18.94
C LEU A 203 2.08 -10.84 18.17
N ASP A 204 2.74 -9.88 18.82
CA ASP A 204 3.08 -8.61 18.21
C ASP A 204 4.24 -8.79 17.24
N ALA A 205 4.73 -7.67 16.68
CA ALA A 205 5.78 -7.75 15.67
C ALA A 205 7.10 -8.25 16.27
N VAL A 206 7.42 -7.82 17.49
CA VAL A 206 8.69 -8.19 18.10
C VAL A 206 8.69 -9.69 18.45
N ARG A 207 7.63 -10.15 19.10
CA ARG A 207 7.58 -11.56 19.50
C ARG A 207 7.41 -12.51 18.32
N ARG A 208 6.90 -12.01 17.19
CA ARG A 208 6.86 -12.84 15.99
C ARG A 208 8.27 -13.13 15.48
N ALA A 209 9.19 -12.18 15.65
CA ALA A 209 10.57 -12.40 15.24
C ALA A 209 11.24 -13.47 16.08
N ALA A 210 10.95 -13.48 17.39
CA ALA A 210 11.50 -14.52 18.25
C ALA A 210 10.96 -15.90 17.88
N LEU A 211 9.71 -15.98 17.43
CA LEU A 211 9.18 -17.26 16.96
C LEU A 211 9.85 -17.69 15.67
N ILE A 212 10.07 -16.74 14.74
CA ILE A 212 10.77 -17.04 13.51
C ILE A 212 12.23 -17.41 13.79
N ASN A 213 12.84 -16.78 14.80
CA ASN A 213 14.20 -17.15 15.19
C ASN A 213 14.29 -18.63 15.56
N MET A 214 13.29 -19.14 16.27
CA MET A 214 13.28 -20.55 16.63
C MET A 214 13.04 -21.44 15.42
N VAL A 215 12.25 -20.97 14.45
CA VAL A 215 11.98 -21.77 13.26
C VAL A 215 13.24 -21.90 12.41
N PHE A 216 14.06 -20.86 12.36
CA PHE A 216 15.27 -20.91 11.55
C PHE A 216 16.33 -21.82 12.16
N GLN A 217 16.33 -21.97 13.49
CA GLN A 217 17.27 -22.83 14.18
C GLN A 217 16.84 -24.29 14.22
N MET A 218 15.57 -24.56 14.48
CA MET A 218 15.11 -25.92 14.72
C MET A 218 14.14 -26.44 13.65
N GLY A 219 13.57 -25.56 12.84
CA GLY A 219 12.58 -25.98 11.86
C GLY A 219 11.16 -25.85 12.37
N GLU A 220 10.22 -25.87 11.43
CA GLU A 220 8.81 -25.72 11.80
C GLU A 220 8.33 -26.88 12.66
N THR A 221 8.72 -28.10 12.33
CA THR A 221 8.31 -29.26 13.10
C THR A 221 8.98 -29.29 14.48
N GLY A 222 10.12 -28.61 14.65
CA GLY A 222 10.75 -28.55 15.95
C GLY A 222 10.13 -27.51 16.86
N VAL A 223 9.67 -26.39 16.31
CA VAL A 223 8.99 -25.39 17.12
C VAL A 223 7.61 -25.89 17.53
N ALA A 224 6.97 -26.72 16.71
CA ALA A 224 5.68 -27.30 17.05
C ALA A 224 5.75 -28.25 18.24
N GLY A 225 6.95 -28.68 18.63
CA GLY A 225 7.09 -29.54 19.80
C GLY A 225 6.85 -28.84 21.12
N PHE A 226 7.02 -27.51 21.17
CA PHE A 226 6.76 -26.73 22.38
C PHE A 226 5.25 -26.48 22.52
N THR A 227 4.50 -27.58 22.59
CA THR A 227 3.04 -27.49 22.62
C THR A 227 2.57 -26.66 23.81
N ASN A 228 3.19 -26.85 24.98
CA ASN A 228 2.73 -26.16 26.18
C ASN A 228 3.13 -24.69 26.16
N SER A 229 4.39 -24.41 25.79
CA SER A 229 4.87 -23.02 25.82
C SER A 229 4.17 -22.17 24.77
N LEU A 230 3.94 -22.72 23.58
CA LEU A 230 3.22 -21.96 22.55
C LEU A 230 1.81 -21.61 23.02
N ARG A 231 1.16 -22.52 23.76
CA ARG A 231 -0.14 -22.23 24.33
C ARG A 231 -0.06 -21.11 25.36
N MET A 232 1.05 -21.05 26.12
CA MET A 232 1.23 -19.97 27.08
C MET A 232 1.47 -18.64 26.39
N LEU A 233 2.26 -18.64 25.31
CA LEU A 233 2.53 -17.40 24.58
C LEU A 233 1.26 -16.85 23.94
N GLN A 234 0.39 -17.74 23.46
CA GLN A 234 -0.86 -17.28 22.84
C GLN A 234 -1.76 -16.61 23.87
N GLN A 235 -1.79 -17.14 25.09
CA GLN A 235 -2.57 -16.55 26.17
C GLN A 235 -1.86 -15.38 26.85
N LYS A 236 -0.74 -14.92 26.27
CA LYS A 236 0.01 -13.78 26.78
C LYS A 236 0.53 -14.02 28.19
N ARG A 237 0.84 -15.27 28.53
CA ARG A 237 1.45 -15.63 29.81
C ARG A 237 2.96 -15.72 29.58
N TRP A 238 3.60 -14.56 29.50
CA TRP A 238 5.01 -14.49 29.11
C TRP A 238 5.91 -15.09 30.19
N ASP A 239 5.66 -14.73 31.45
CA ASP A 239 6.51 -15.22 32.53
C ASP A 239 6.44 -16.74 32.64
N GLU A 240 5.24 -17.30 32.46
CA GLU A 240 5.09 -18.75 32.50
C GLU A 240 5.78 -19.42 31.32
N ALA A 241 5.75 -18.77 30.15
CA ALA A 241 6.37 -19.35 28.97
C ALA A 241 7.89 -19.35 29.08
N ALA A 242 8.47 -18.29 29.63
CA ALA A 242 9.92 -18.24 29.77
C ALA A 242 10.43 -19.27 30.76
N VAL A 243 9.70 -19.47 31.86
CA VAL A 243 10.08 -20.49 32.84
C VAL A 243 10.01 -21.87 32.22
N ASN A 244 8.95 -22.15 31.45
CA ASN A 244 8.80 -23.46 30.83
C ASN A 244 9.84 -23.69 29.75
N LEU A 245 10.22 -22.64 29.02
CA LEU A 245 11.20 -22.80 27.96
C LEU A 245 12.61 -22.99 28.51
N ALA A 246 12.91 -22.45 29.69
CA ALA A 246 14.22 -22.61 30.29
C ALA A 246 14.47 -24.03 30.78
N LYS A 247 13.47 -24.91 30.74
CA LYS A 247 13.63 -26.31 31.10
C LYS A 247 13.88 -27.21 29.89
N SER A 248 13.77 -26.68 28.68
CA SER A 248 13.82 -27.50 27.48
C SER A 248 15.24 -27.95 27.17
N ARG A 249 15.34 -29.00 26.36
CA ARG A 249 16.63 -29.44 25.85
C ARG A 249 17.22 -28.39 24.90
N TRP A 250 16.37 -27.61 24.24
CA TRP A 250 16.85 -26.52 23.39
C TRP A 250 17.60 -25.48 24.20
N TYR A 251 17.17 -25.24 25.44
CA TYR A 251 17.85 -24.25 26.28
C TYR A 251 19.20 -24.76 26.75
N ASN A 252 19.30 -26.05 27.10
CA ASN A 252 20.52 -26.57 27.67
C ASN A 252 21.61 -26.85 26.62
N GLN A 253 21.24 -26.98 25.35
CA GLN A 253 22.23 -27.24 24.32
C GLN A 253 22.83 -25.96 23.74
N THR A 254 22.00 -24.93 23.53
CA THR A 254 22.46 -23.63 23.06
C THR A 254 21.95 -22.55 24.01
N PRO A 255 22.50 -22.48 25.22
CA PRO A 255 21.96 -21.55 26.21
C PRO A 255 22.23 -20.09 25.90
N ASN A 256 23.32 -19.78 25.21
CA ASN A 256 23.63 -18.38 24.94
C ASN A 256 22.64 -17.78 23.95
N ARG A 257 22.15 -18.56 23.00
CA ARG A 257 21.16 -18.11 22.03
C ARG A 257 19.73 -18.22 22.57
N ALA A 258 19.41 -19.33 23.24
CA ALA A 258 18.06 -19.52 23.75
C ALA A 258 17.70 -18.46 24.79
N LYS A 259 18.69 -17.97 25.54
CA LYS A 259 18.42 -16.95 26.56
C LYS A 259 17.98 -15.63 25.95
N ARG A 260 18.51 -15.28 24.76
CA ARG A 260 18.09 -14.04 24.13
C ARG A 260 16.70 -14.17 23.51
N VAL A 261 16.40 -15.32 22.89
CA VAL A 261 15.08 -15.54 22.33
C VAL A 261 14.03 -15.58 23.42
N ILE A 262 14.36 -16.20 24.56
CA ILE A 262 13.43 -16.25 25.68
C ILE A 262 13.20 -14.86 26.26
N THR A 263 14.26 -14.07 26.38
CA THR A 263 14.11 -12.72 26.92
C THR A 263 13.22 -11.86 26.01
N THR A 264 13.31 -12.07 24.70
CA THR A 264 12.43 -11.34 23.78
C THR A 264 10.97 -11.74 24.00
N PHE A 265 10.71 -13.02 24.24
CA PHE A 265 9.35 -13.45 24.55
C PHE A 265 8.83 -12.80 25.84
N ARG A 266 9.72 -12.55 26.79
CA ARG A 266 9.35 -11.96 28.07
C ARG A 266 8.90 -10.51 27.90
N THR A 267 9.85 -9.61 27.66
CA THR A 267 9.56 -8.19 27.58
C THR A 267 8.84 -7.81 26.29
N GLY A 268 9.02 -8.58 25.22
CA GLY A 268 8.50 -8.13 23.94
C GLY A 268 9.30 -7.02 23.31
N THR A 269 10.54 -6.84 23.74
CA THR A 269 11.43 -5.80 23.24
C THR A 269 12.70 -6.43 22.67
N TRP A 270 13.65 -5.58 22.28
CA TRP A 270 14.91 -6.01 21.72
C TRP A 270 16.08 -5.79 22.68
N ASP A 271 15.81 -5.82 23.98
CA ASP A 271 16.86 -5.50 24.95
C ASP A 271 17.97 -6.54 24.96
N ALA A 272 17.64 -7.81 24.66
CA ALA A 272 18.64 -8.86 24.66
C ALA A 272 19.64 -8.72 23.51
N TYR A 273 19.37 -7.86 22.54
CA TYR A 273 20.24 -7.66 21.39
C TYR A 273 20.70 -6.22 21.33
N LYS A 274 21.89 -6.00 20.75
CA LYS A 274 22.40 -4.65 20.60
C LYS A 274 21.47 -3.80 19.74
N ILE A 275 21.07 -4.33 18.59
CA ILE A 275 20.07 -3.73 17.70
C ILE A 275 20.30 -2.24 17.47
N SER A 284 7.93 11.82 9.00
CA SER A 284 7.31 12.85 9.83
C SER A 284 5.90 13.17 9.36
N ALA A 285 5.09 13.74 10.25
CA ALA A 285 3.71 14.06 9.91
C ALA A 285 3.65 15.26 8.98
N CYS A 286 4.31 16.36 9.35
CA CYS A 286 4.35 17.54 8.49
C CYS A 286 5.16 17.31 7.22
N ALA A 287 6.05 16.32 7.23
CA ALA A 287 6.82 16.02 6.03
C ALA A 287 5.96 15.35 4.96
N GLN A 288 4.91 14.65 5.36
CA GLN A 288 3.99 14.02 4.42
C GLN A 288 3.09 15.05 3.74
N LEU A 289 2.74 16.12 4.43
CA LEU A 289 1.90 17.14 3.84
C LEU A 289 2.67 17.99 2.84
N VAL A 290 3.95 18.26 3.13
CA VAL A 290 4.77 19.05 2.22
C VAL A 290 5.02 18.27 0.93
N ILE A 291 5.39 17.00 1.05
CA ILE A 291 5.66 16.18 -0.13
C ILE A 291 4.40 16.02 -0.97
N ALA A 292 3.26 15.79 -0.32
CA ALA A 292 2.01 15.72 -1.07
C ALA A 292 1.69 17.05 -1.74
N PHE A 293 1.96 18.16 -1.04
CA PHE A 293 1.73 19.48 -1.62
C PHE A 293 2.64 19.71 -2.81
N ILE A 294 3.90 19.26 -2.73
CA ILE A 294 4.82 19.41 -3.86
C ILE A 294 4.34 18.58 -5.05
N LEU A 295 3.89 17.35 -4.79
CA LEU A 295 3.42 16.49 -5.87
C LEU A 295 2.14 17.00 -6.51
N ILE A 296 1.38 17.84 -5.82
CA ILE A 296 0.18 18.42 -6.43
C ILE A 296 0.53 19.64 -7.26
N CYS A 297 1.49 20.45 -6.78
CA CYS A 297 1.89 21.64 -7.52
C CYS A 297 2.54 21.29 -8.86
N ILE A 298 3.15 20.11 -8.95
CA ILE A 298 3.73 19.69 -10.23
C ILE A 298 2.64 19.46 -11.26
N GLN A 299 1.55 18.82 -10.86
CA GLN A 299 0.42 18.64 -11.78
C GLN A 299 -0.20 19.99 -12.14
N LEU A 300 -0.35 20.88 -11.15
CA LEU A 300 -0.88 22.21 -11.43
C LEU A 300 0.05 22.98 -12.37
N GLY A 301 1.35 22.83 -12.19
CA GLY A 301 2.30 23.47 -13.10
C GLY A 301 2.14 22.98 -14.52
N ILE A 302 1.84 21.69 -14.69
CA ILE A 302 1.57 21.16 -16.03
C ILE A 302 0.30 21.78 -16.60
N ILE A 303 -0.73 21.94 -15.77
CA ILE A 303 -2.00 22.47 -16.24
C ILE A 303 -1.85 23.94 -16.63
N VAL A 304 -1.15 24.72 -15.81
CA VAL A 304 -0.95 26.14 -16.11
C VAL A 304 -0.08 26.30 -17.34
N ALA A 305 0.92 25.43 -17.51
CA ALA A 305 1.77 25.50 -18.69
C ALA A 305 0.97 25.21 -19.96
N LEU A 306 0.02 24.26 -19.88
CA LEU A 306 -0.80 23.97 -21.05
C LEU A 306 -1.86 25.04 -21.29
N PHE A 307 -2.25 25.78 -20.25
CA PHE A 307 -3.11 26.94 -20.45
C PHE A 307 -2.41 27.98 -21.34
N ILE A 308 -1.11 28.13 -21.16
CA ILE A 308 -0.36 29.12 -21.93
C ILE A 308 -0.08 28.62 -23.35
N MET A 309 0.13 27.32 -23.52
CA MET A 309 0.37 26.78 -24.86
C MET A 309 -0.93 26.68 -25.65
N GLU A 310 -1.98 26.12 -25.03
CA GLU A 310 -3.26 25.88 -25.69
C GLU A 310 -4.36 26.51 -24.85
N PRO A 311 -4.66 27.78 -25.09
CA PRO A 311 -5.65 28.49 -24.26
C PRO A 311 -7.02 27.84 -24.38
N PRO A 312 -7.75 27.71 -23.27
CA PRO A 312 -9.10 27.14 -23.33
C PRO A 312 -10.03 28.02 -24.15
N ASP A 313 -10.98 27.39 -24.83
CA ASP A 313 -11.94 28.10 -25.67
C ASP A 313 -13.14 27.21 -25.91
N ILE A 314 -14.32 27.82 -25.97
CA ILE A 314 -15.55 27.09 -26.23
C ILE A 314 -15.60 26.72 -27.70
N MET A 315 -15.75 25.43 -27.98
CA MET A 315 -15.79 24.96 -29.36
C MET A 315 -16.99 25.58 -30.08
N HIS A 316 -16.80 25.91 -31.36
CA HIS A 316 -17.84 26.52 -32.19
C HIS A 316 -18.34 27.86 -31.63
N ASP A 317 -19.27 28.47 -32.36
CA ASP A 317 -19.99 29.69 -31.95
C ASP A 317 -21.45 29.31 -32.12
N TYR A 318 -22.01 28.71 -31.08
CA TYR A 318 -23.19 27.88 -31.20
C TYR A 318 -24.43 28.59 -30.69
N PRO A 319 -25.28 27.86 -29.99
CA PRO A 319 -26.58 28.38 -29.56
C PRO A 319 -26.94 27.92 -28.15
N GLU A 323 -26.52 24.78 -25.24
CA GLU A 323 -26.70 23.33 -25.13
C GLU A 323 -26.19 22.81 -23.78
N VAL A 324 -26.71 21.66 -23.37
CA VAL A 324 -26.27 21.06 -22.10
C VAL A 324 -24.79 20.69 -22.17
N TYR A 325 -24.37 20.08 -23.27
CA TYR A 325 -22.99 19.69 -23.44
C TYR A 325 -22.13 20.91 -23.74
N LEU A 326 -21.02 21.05 -23.02
CA LEU A 326 -20.07 22.13 -23.22
C LEU A 326 -18.82 21.55 -23.87
N ILE A 327 -18.61 21.87 -25.14
CA ILE A 327 -17.47 21.40 -25.91
C ILE A 327 -16.38 22.46 -25.85
N CYS A 328 -15.20 22.08 -25.36
CA CYS A 328 -14.05 22.96 -25.30
C CYS A 328 -13.03 22.54 -26.36
N ASN A 329 -12.01 23.38 -26.54
CA ASN A 329 -10.96 23.12 -27.50
C ASN A 329 -9.78 22.34 -26.92
N THR A 330 -10.05 21.50 -25.91
CA THR A 330 -8.98 20.72 -25.31
C THR A 330 -8.47 19.66 -26.28
N THR A 331 -7.16 19.66 -26.50
CA THR A 331 -6.54 18.73 -27.44
C THR A 331 -6.11 17.46 -26.71
N ASN A 332 -5.44 16.56 -27.43
CA ASN A 332 -4.90 15.36 -26.81
C ASN A 332 -3.82 15.70 -25.80
N LEU A 333 -2.97 16.68 -26.12
CA LEU A 333 -1.91 17.07 -25.19
C LEU A 333 -2.48 17.68 -23.92
N GLY A 334 -3.60 18.40 -24.03
CA GLY A 334 -4.26 18.91 -22.84
C GLY A 334 -4.84 17.84 -21.95
N VAL A 335 -5.05 16.64 -22.49
CA VAL A 335 -5.57 15.51 -21.73
C VAL A 335 -4.46 14.54 -21.33
N VAL A 336 -3.61 14.16 -22.28
CA VAL A 336 -2.64 13.10 -22.05
C VAL A 336 -1.58 13.53 -21.04
N ALA A 337 -1.11 14.78 -21.13
CA ALA A 337 -0.03 15.22 -20.25
C ALA A 337 -0.42 15.17 -18.77
N PRO A 338 -1.57 15.71 -18.34
CA PRO A 338 -1.96 15.48 -16.93
C PRO A 338 -2.42 14.06 -16.67
N LEU A 339 -2.94 13.37 -17.70
CA LEU A 339 -3.31 11.97 -17.52
C LEU A 339 -2.09 11.09 -17.27
N GLY A 340 -1.00 11.34 -17.99
CA GLY A 340 0.20 10.56 -17.79
C GLY A 340 0.83 10.79 -16.42
N TYR A 341 0.82 12.04 -15.95
CA TYR A 341 1.35 12.32 -14.63
C TYR A 341 0.51 11.65 -13.54
N ASN A 342 -0.81 11.70 -13.69
CA ASN A 342 -1.69 10.98 -12.76
C ASN A 342 -1.42 9.49 -12.81
N GLY A 343 -1.13 8.96 -14.00
CA GLY A 343 -0.81 7.55 -14.12
C GLY A 343 0.45 7.18 -13.37
N LEU A 344 1.47 8.05 -13.43
CA LEU A 344 2.69 7.81 -12.66
C LEU A 344 2.40 7.76 -11.16
N LEU A 345 1.50 8.63 -10.69
CA LEU A 345 1.08 8.57 -9.30
C LEU A 345 0.38 7.26 -8.98
N ILE A 346 -0.33 6.69 -9.96
CA ILE A 346 -1.03 5.43 -9.74
C ILE A 346 -0.05 4.26 -9.70
N LEU A 347 0.96 4.29 -10.58
CA LEU A 347 1.97 3.24 -10.56
C LEU A 347 2.73 3.22 -9.25
N ALA A 348 3.12 4.40 -8.74
CA ALA A 348 3.85 4.48 -7.48
C ALA A 348 2.98 4.04 -6.31
N CYS A 349 1.71 4.44 -6.32
CA CYS A 349 0.79 3.99 -5.27
C CYS A 349 0.67 2.48 -5.28
N THR A 350 0.46 1.89 -6.45
CA THR A 350 0.26 0.44 -6.55
C THR A 350 1.53 -0.31 -6.15
N PHE A 351 2.70 0.25 -6.43
CA PHE A 351 3.95 -0.40 -6.09
C PHE A 351 4.10 -0.55 -4.59
N TYR A 352 3.87 0.54 -3.84
CA TYR A 352 4.00 0.48 -2.38
C TYR A 352 2.79 -0.17 -1.74
N ALA A 353 1.62 -0.10 -2.37
CA ALA A 353 0.44 -0.78 -1.82
C ALA A 353 0.60 -2.29 -1.89
N PHE A 354 1.10 -2.80 -3.01
CA PHE A 354 1.35 -4.24 -3.13
C PHE A 354 2.46 -4.69 -2.19
N LYS A 355 3.47 -3.84 -1.99
CA LYS A 355 4.58 -4.17 -1.10
C LYS A 355 4.13 -4.28 0.35
N THR A 356 3.03 -3.64 0.73
CA THR A 356 2.53 -3.66 2.10
C THR A 356 1.16 -4.30 2.20
N ARG A 357 0.76 -5.08 1.18
CA ARG A 357 -0.61 -5.62 1.12
C ARG A 357 -0.93 -6.54 2.29
N ASN A 358 0.08 -7.08 2.97
CA ASN A 358 -0.14 -7.98 4.09
C ASN A 358 0.10 -7.32 5.45
N VAL A 359 0.41 -6.02 5.47
CA VAL A 359 0.58 -5.29 6.72
C VAL A 359 -0.76 -5.19 7.42
N PRO A 360 -0.89 -5.67 8.65
CA PRO A 360 -2.20 -5.74 9.32
C PRO A 360 -2.55 -4.56 10.19
N ALA A 361 -1.74 -3.50 10.21
CA ALA A 361 -2.02 -2.36 11.07
C ALA A 361 -3.31 -1.65 10.66
N ASN A 362 -3.98 -1.06 11.65
CA ASN A 362 -5.18 -0.26 11.44
C ASN A 362 -6.31 -1.08 10.82
N PHE A 363 -6.62 -2.22 11.44
CA PHE A 363 -7.70 -3.11 11.02
C PHE A 363 -7.54 -3.52 9.56
N ASN A 364 -6.34 -3.99 9.22
CA ASN A 364 -6.02 -4.44 7.87
C ASN A 364 -6.28 -3.33 6.85
N GLU A 365 -5.86 -2.11 7.19
CA GLU A 365 -6.08 -0.98 6.30
C GLU A 365 -5.37 -1.18 4.96
N ALA A 366 -4.21 -1.81 4.97
CA ALA A 366 -3.41 -2.01 3.76
C ALA A 366 -4.06 -2.96 2.77
N LYS A 367 -4.92 -3.89 3.24
CA LYS A 367 -5.57 -4.80 2.31
C LYS A 367 -6.55 -4.06 1.41
N TYR A 368 -7.25 -3.06 1.95
CA TYR A 368 -8.22 -2.31 1.16
C TYR A 368 -7.56 -1.31 0.24
N ILE A 369 -6.36 -0.82 0.59
CA ILE A 369 -5.66 0.11 -0.27
C ILE A 369 -5.10 -0.61 -1.49
N ALA A 370 -4.59 -1.83 -1.31
CA ALA A 370 -4.04 -2.59 -2.42
C ALA A 370 -5.13 -2.95 -3.42
N PHE A 371 -6.32 -3.31 -2.93
CA PHE A 371 -7.42 -3.63 -3.83
C PHE A 371 -7.91 -2.40 -4.59
N THR A 372 -7.80 -1.23 -3.97
CA THR A 372 -8.21 0.00 -4.65
C THR A 372 -7.29 0.30 -5.84
N MET A 373 -5.99 0.08 -5.67
CA MET A 373 -5.05 0.36 -6.75
C MET A 373 -5.13 -0.68 -7.85
N TYR A 374 -5.53 -1.91 -7.51
CA TYR A 374 -5.75 -2.93 -8.54
C TYR A 374 -6.86 -2.52 -9.50
N THR A 375 -7.99 -2.08 -8.95
CA THR A 375 -9.11 -1.64 -9.78
C THR A 375 -8.78 -0.33 -10.49
N THR A 376 -8.08 0.58 -9.81
CA THR A 376 -7.75 1.86 -10.41
C THR A 376 -6.88 1.69 -11.64
N CYS A 377 -5.91 0.76 -11.60
CA CYS A 377 -5.08 0.51 -12.76
C CYS A 377 -5.91 0.01 -13.94
N ILE A 378 -6.80 -0.96 -13.70
CA ILE A 378 -7.62 -1.50 -14.77
C ILE A 378 -8.57 -0.44 -15.31
N ILE A 379 -9.14 0.37 -14.42
CA ILE A 379 -10.05 1.43 -14.85
C ILE A 379 -9.32 2.46 -15.69
N TRP A 380 -8.14 2.88 -15.24
CA TRP A 380 -7.39 3.90 -15.98
C TRP A 380 -6.78 3.34 -17.26
N LEU A 381 -6.37 2.07 -17.25
CA LEU A 381 -5.85 1.46 -18.46
C LEU A 381 -6.94 1.31 -19.51
N ALA A 382 -8.12 0.83 -19.10
CA ALA A 382 -9.23 0.68 -20.02
C ALA A 382 -9.75 2.02 -20.53
N PHE A 383 -9.47 3.11 -19.80
CA PHE A 383 -9.99 4.42 -20.21
C PHE A 383 -9.34 4.90 -21.49
N VAL A 384 -8.05 4.63 -21.68
CA VAL A 384 -7.29 5.18 -22.81
C VAL A 384 -7.90 4.75 -24.14
N PRO A 385 -8.12 3.45 -24.40
CA PRO A 385 -8.73 3.10 -25.69
C PRO A 385 -10.21 3.45 -25.77
N ILE A 386 -10.92 3.42 -24.64
CA ILE A 386 -12.35 3.71 -24.65
C ILE A 386 -12.59 5.19 -24.95
N TYR A 387 -11.83 6.07 -24.32
CA TYR A 387 -12.07 7.51 -24.46
C TYR A 387 -11.64 8.03 -25.83
N PHE A 388 -10.37 7.84 -26.17
CA PHE A 388 -9.83 8.40 -27.41
C PHE A 388 -10.44 7.78 -28.66
N GLY A 389 -11.14 6.66 -28.53
CA GLY A 389 -11.87 6.08 -29.64
C GLY A 389 -13.37 6.31 -29.58
N SER A 390 -13.84 7.22 -28.72
CA SER A 390 -15.26 7.44 -28.51
C SER A 390 -15.72 8.72 -29.20
N ASN A 391 -17.00 8.73 -29.57
CA ASN A 391 -17.66 9.92 -30.09
C ASN A 391 -18.58 10.57 -29.06
N TYR A 392 -18.51 10.11 -27.81
CA TYR A 392 -19.26 10.70 -26.70
C TYR A 392 -18.29 10.96 -25.54
N LYS A 393 -17.29 11.80 -25.82
CA LYS A 393 -16.16 11.96 -24.91
C LYS A 393 -16.56 12.65 -23.61
N ILE A 394 -17.55 13.55 -23.65
CA ILE A 394 -17.94 14.27 -22.44
C ILE A 394 -18.54 13.31 -21.42
N ILE A 395 -19.49 12.48 -21.86
CA ILE A 395 -20.18 11.59 -20.94
C ILE A 395 -19.26 10.47 -20.47
N THR A 396 -18.43 9.94 -21.37
CA THR A 396 -17.46 8.93 -20.95
C THR A 396 -16.45 9.49 -19.97
N MET A 397 -16.16 10.80 -20.06
CA MET A 397 -15.27 11.42 -19.08
C MET A 397 -15.99 11.60 -17.74
N CYS A 398 -17.26 11.95 -17.77
CA CYS A 398 -18.03 12.15 -16.53
C CYS A 398 -18.10 10.86 -15.73
N PHE A 399 -18.43 9.75 -16.38
CA PHE A 399 -18.56 8.48 -15.67
C PHE A 399 -17.20 7.95 -15.22
N SER A 400 -16.15 8.19 -16.01
CA SER A 400 -14.83 7.69 -15.65
C SER A 400 -14.32 8.37 -14.38
N VAL A 401 -14.45 9.69 -14.30
CA VAL A 401 -14.00 10.42 -13.12
C VAL A 401 -14.84 10.01 -11.90
N SER A 402 -16.15 9.87 -12.09
CA SER A 402 -17.01 9.48 -10.97
C SER A 402 -16.77 8.04 -10.54
N LEU A 403 -16.49 7.15 -11.49
CA LEU A 403 -16.22 5.77 -11.15
C LEU A 403 -14.89 5.64 -10.40
N SER A 404 -13.85 6.28 -10.91
CA SER A 404 -12.55 6.23 -10.24
C SER A 404 -12.61 6.89 -8.86
N ALA A 405 -13.42 7.94 -8.72
CA ALA A 405 -13.59 8.56 -7.41
C ALA A 405 -14.39 7.65 -6.47
N THR A 406 -15.38 6.93 -7.01
CA THR A 406 -16.18 6.05 -6.18
C THR A 406 -15.39 4.83 -5.71
N VAL A 407 -14.45 4.35 -6.53
CA VAL A 407 -13.63 3.20 -6.14
C VAL A 407 -12.81 3.54 -4.90
N ALA A 408 -12.12 4.69 -4.93
CA ALA A 408 -11.31 5.07 -3.79
C ALA A 408 -12.17 5.37 -2.56
N LEU A 409 -13.37 5.91 -2.77
CA LEU A 409 -14.24 6.25 -1.64
C LEU A 409 -14.93 5.01 -1.08
N GLY A 410 -15.26 4.04 -1.93
CA GLY A 410 -15.97 2.86 -1.46
C GLY A 410 -15.10 1.79 -0.87
N CYS A 411 -13.86 1.67 -1.36
CA CYS A 411 -12.98 0.59 -0.91
C CYS A 411 -12.12 0.99 0.28
N MET A 412 -11.73 2.26 0.38
CA MET A 412 -10.81 2.71 1.43
C MET A 412 -11.52 3.31 2.64
N PHE A 413 -12.63 4.03 2.44
CA PHE A 413 -13.26 4.76 3.52
C PHE A 413 -14.55 4.13 4.02
N VAL A 414 -15.36 3.54 3.13
CA VAL A 414 -16.60 2.88 3.56
C VAL A 414 -16.32 1.77 4.59
N PRO A 415 -15.34 0.88 4.39
CA PRO A 415 -15.06 -0.11 5.44
C PRO A 415 -14.65 0.49 6.76
N LYS A 416 -13.98 1.64 6.75
CA LYS A 416 -13.61 2.28 8.00
C LYS A 416 -14.79 2.97 8.68
N VAL A 417 -15.74 3.47 7.89
CA VAL A 417 -16.94 4.06 8.47
C VAL A 417 -17.84 2.98 9.05
N TYR A 418 -17.86 1.80 8.43
CA TYR A 418 -18.69 0.71 8.93
C TYR A 418 -18.26 0.28 10.33
N ILE A 419 -16.95 0.17 10.56
CA ILE A 419 -16.46 -0.25 11.87
C ILE A 419 -16.79 0.80 12.93
N ILE A 420 -16.78 2.07 12.57
CA ILE A 420 -17.06 3.13 13.54
C ILE A 420 -18.50 3.05 14.02
N LEU A 421 -19.46 3.07 13.09
CA LEU A 421 -20.86 3.17 13.46
C LEU A 421 -21.45 1.82 13.85
N ALA A 422 -21.12 0.76 13.11
CA ALA A 422 -21.76 -0.53 13.32
C ALA A 422 -21.06 -1.40 14.35
N LYS A 423 -19.75 -1.24 14.54
CA LYS A 423 -18.97 -2.04 15.48
C LYS A 423 -18.26 -1.13 16.48
N PRO A 424 -19.02 -0.53 17.40
CA PRO A 424 -18.37 0.39 18.37
C PRO A 424 -17.47 -0.33 19.37
N GLU A 425 -17.76 -1.59 19.68
CA GLU A 425 -16.95 -2.32 20.65
C GLU A 425 -15.66 -2.85 20.05
N ARG A 426 -15.68 -3.20 18.76
CA ARG A 426 -14.45 -3.62 18.09
C ARG A 426 -13.43 -2.50 18.07
N ASN A 427 -13.87 -1.26 17.95
CA ASN A 427 -12.98 -0.11 17.91
C ASN A 427 -12.70 0.42 19.31
C1 OLA B . -4.12 9.82 -28.46
O1 OLA B . -4.79 9.30 -29.37
O2 OLA B . -3.70 11.00 -28.51
C2 OLA B . -3.80 8.99 -27.24
C3 OLA B . -2.28 8.89 -27.09
C4 OLA B . -1.88 7.81 -26.08
C5 OLA B . -2.07 8.30 -24.65
C6 OLA B . -1.58 7.27 -23.62
C7 OLA B . -1.41 7.96 -22.27
C8 OLA B . -1.31 6.99 -21.11
C9 OLA B . -1.48 7.80 -19.85
C10 OLA B . -2.11 7.35 -18.77
C11 OLA B . -2.68 5.96 -18.65
C12 OLA B . -2.78 5.65 -17.16
C13 OLA B . -2.51 4.19 -16.83
C14 OLA B . -2.23 4.07 -15.34
C15 OLA B . -2.18 2.62 -14.87
C16 OLA B . -1.07 1.85 -15.56
C17 OLA B . -0.73 0.58 -14.78
C18 OLA B . 0.50 -0.10 -15.36
C1 OLA C . -32.68 20.85 -11.92
O1 OLA C . -33.65 21.33 -11.28
O2 OLA C . -32.36 21.24 -13.05
C2 OLA C . -31.87 19.75 -11.26
C3 OLA C . -31.82 18.55 -12.19
C4 OLA C . -31.10 17.38 -11.55
C5 OLA C . -31.79 16.92 -10.26
C6 OLA C . -31.15 15.66 -9.70
C7 OLA C . -31.39 15.55 -8.21
C8 OLA C . -30.66 14.33 -7.63
C9 OLA C . -29.75 14.80 -6.52
C10 OLA C . -29.81 14.26 -5.31
C11 OLA C . -30.79 13.17 -4.98
C12 OLA C . -30.22 12.29 -3.88
C13 OLA C . -31.16 11.14 -3.53
C1 OLA D . -4.09 31.70 -20.80
O1 OLA D . -5.34 31.62 -20.85
O2 OLA D . -3.39 32.07 -21.77
C2 OLA D . -3.39 31.33 -19.51
C3 OLA D . -3.97 32.18 -18.38
C4 OLA D . -2.93 32.45 -17.30
C5 OLA D . -2.37 31.16 -16.72
C6 OLA D . -2.84 30.95 -15.28
C7 OLA D . -4.31 30.55 -15.24
C8 OLA D . -4.82 30.52 -13.80
C9 OLA D . -5.17 29.10 -13.42
C10 OLA D . -4.46 28.47 -12.49
C11 OLA D . -3.30 29.17 -11.81
C12 OLA D . -3.35 28.93 -10.31
C1 OLA E . -26.56 21.95 -15.95
O1 OLA E . -25.97 21.67 -17.01
O2 OLA E . -27.65 22.56 -15.91
C2 OLA E . -25.90 21.55 -14.65
C3 OLA E . -26.92 21.69 -13.52
C4 OLA E . -26.69 20.65 -12.44
C5 OLA E . -27.90 20.57 -11.52
C6 OLA E . -27.56 19.81 -10.25
C7 OLA E . -28.78 19.71 -9.34
C8 OLA E . -28.44 18.98 -8.05
C9 OLA E . -27.62 19.86 -7.14
C10 OLA E . -27.74 19.76 -5.82
C11 OLA E . -28.68 18.74 -5.23
O1 MES F . -25.06 14.70 -28.00
C2 MES F . -24.37 15.87 -27.58
C3 MES F . -23.08 16.07 -28.37
N4 MES F . -22.34 14.81 -28.38
C5 MES F . -23.03 13.57 -28.70
C6 MES F . -24.28 13.52 -27.84
C7 MES F . -20.91 14.87 -28.66
C8 MES F . -20.27 15.47 -27.42
S MES F . -18.72 14.90 -27.27
O1S MES F . -18.69 13.92 -26.16
O2S MES F . -17.80 16.02 -26.95
O3S MES F . -18.30 14.23 -28.52
C13 D7W G . -9.92 10.39 -9.11
C15 D7W G . -10.94 11.06 -6.97
C17 D7W G . -11.09 12.50 -8.96
C01 D7W G . -9.22 11.33 -16.90
C03 D7W G . -9.77 8.81 -16.79
C04 D7W G . -10.16 7.85 -15.67
C07 D7W G . -9.88 9.96 -14.71
C09 D7W G . -10.11 10.84 -12.25
C12 D7W G . -10.36 11.58 -9.75
C14 D7W G . -10.21 10.15 -7.75
C16 D7W G . -11.37 12.24 -7.60
N02 D7W G . -9.60 10.14 -16.13
N06 D7W G . -10.20 8.65 -14.44
N08 D7W G . -9.82 11.04 -13.70
N11 D7W G . -10.05 11.86 -11.20
O05 D7W G . -10.39 6.67 -15.81
O10 D7W G . -10.40 9.72 -11.91
CL1 D7W G . -9.63 8.63 -6.97
C1 OLA H . -7.77 4.44 -29.74
O1 OLA H . -7.38 5.32 -30.53
O2 OLA H . -8.89 3.88 -29.85
C2 OLA H . -6.89 4.04 -28.59
C3 OLA H . -5.54 4.74 -28.68
C4 OLA H . -4.69 4.36 -27.47
C5 OLA H . -3.20 4.45 -27.78
C6 OLA H . -2.43 3.33 -27.09
C7 OLA H . -2.60 3.40 -25.58
C8 OLA H . -2.89 2.02 -24.98
C9 OLA H . -2.69 2.07 -23.49
C10 OLA H . -3.44 1.35 -22.66
C11 OLA H . -4.53 0.46 -23.18
C12 OLA H . -4.42 -0.91 -22.51
C13 OLA H . -5.79 -1.49 -22.18
C14 OLA H . -5.65 -2.60 -21.15
C15 OLA H . -6.98 -3.00 -20.54
C16 OLA H . -6.76 -3.87 -19.31
C17 OLA H . -7.91 -4.82 -19.07
C18 OLA H . -7.56 -5.86 -18.03
C24 OLC I . -9.81 30.79 -15.02
C6 OLC I . -5.43 25.75 -7.39
C5 OLC I . -6.15 27.00 -7.91
C4 OLC I . -6.28 26.95 -9.43
C3 OLC I . -6.98 28.17 -9.98
C2 OLC I . -8.36 28.36 -9.40
C21 OLC I . -9.65 29.64 -12.80
C1 OLC I . -9.31 28.83 -10.47
C22 OLC I . -9.17 30.84 -13.63
O19 OLC I . -10.52 28.67 -10.35
O25 OLC I . -9.33 31.90 -15.78
O23 OLC I . -9.56 32.05 -12.98
O20 OLC I . -8.80 29.48 -11.67
#